data_7BCE
#
_entry.id   7BCE
#
_cell.length_a   60.145
_cell.length_b   72.032
_cell.length_c   78.478
_cell.angle_alpha   90.000
_cell.angle_beta   90.000
_cell.angle_gamma   90.000
#
_symmetry.space_group_name_H-M   'P 21 21 21'
#
loop_
_entity.id
_entity.type
_entity.pdbx_description
1 polymer 'Palmitoleoyl-protein carboxylesterase NOTUM'
2 non-polymer 'SULFATE ION'
3 non-polymer 2-acetamido-2-deoxy-beta-D-glucopyranose
4 non-polymer 'DIMETHYL SULFOXIDE'
5 non-polymer 3-[(4-methylpiperidin-1-yl)methyl]-1H-indole
6 water water
#
_entity_poly.entity_id   1
_entity_poly.type   'polypeptide(L)'
_entity_poly.pdbx_seq_one_letter_code
;ETGSAQQLNEDLRLHLLLNTSVTCNDGSPAGYYLKESRGSRRWLLFLEGGWYCFNRENCDSRYDTMRRLMSSRDWPRTRT
GTGILSSQPEENPYWWNANMVFIPYCSSDVWSGASSKSEKNEYAFMGALIIQEVVRELLGRGLSGAKVLLLAGSSAGGTG
VLLNVDRVAEQLEKLGYPAIQVRGLADSGWFLDNKQYRHTDCVDTITCAPTEAIRRGIRYWNGVVPERCRRQFQEGEEWN
CFFGYKVYPTLRSPVFVVQWLFDEAQLTVDNVHLTGQPVQEGLRLYIQNLGRELRHTLKDVPASFAPACLSHEIIIRSHW
TDVQVKGTSLPRALHCWDRSLHDSHKASKTPLKGCPVHLVDSCPWPHCNPSCPTGTKHHHHHH
;
_entity_poly.pdbx_strand_id   A
#
loop_
_chem_comp.id
_chem_comp.type
_chem_comp.name
_chem_comp.formula
DMS non-polymer 'DIMETHYL SULFOXIDE' 'C2 H6 O S'
LDV non-polymer 3-[(4-methylpiperidin-1-yl)methyl]-1H-indole 'C15 H20 N2'
NAG D-saccharide, beta linking 2-acetamido-2-deoxy-beta-D-glucopyranose 'C8 H15 N O6'
SO4 non-polymer 'SULFATE ION' 'O4 S -2'
#
# COMPACT_ATOMS: atom_id res chain seq x y z
N ASP A 11 5.68 6.51 -19.58
CA ASP A 11 4.87 5.51 -20.25
C ASP A 11 5.64 4.18 -20.18
N LEU A 12 5.18 3.28 -19.32
CA LEU A 12 5.96 2.18 -18.80
C LEU A 12 5.69 0.90 -19.58
N ARG A 13 6.73 0.10 -19.80
CA ARG A 13 6.65 -1.10 -20.63
C ARG A 13 6.59 -2.36 -19.78
N LEU A 14 5.73 -3.29 -20.19
CA LEU A 14 5.49 -4.53 -19.45
C LEU A 14 6.63 -5.52 -19.64
N HIS A 15 7.04 -6.15 -18.53
CA HIS A 15 7.95 -7.28 -18.53
C HIS A 15 7.34 -8.39 -17.69
N LEU A 16 7.11 -9.55 -18.30
CA LEU A 16 6.66 -10.71 -17.53
C LEU A 16 7.86 -11.40 -16.89
N LEU A 17 7.65 -11.92 -15.68
CA LEU A 17 8.75 -12.49 -14.91
C LEU A 17 9.37 -13.68 -15.62
N LEU A 18 10.71 -13.71 -15.64
CA LEU A 18 11.42 -14.82 -16.26
C LEU A 18 11.22 -16.10 -15.47
N ASN A 19 11.17 -16.01 -14.15
CA ASN A 19 10.91 -17.15 -13.27
C ASN A 19 9.41 -17.43 -13.31
N THR A 20 9.01 -18.44 -14.08
CA THR A 20 7.60 -18.70 -14.34
C THR A 20 6.87 -19.35 -13.17
N SER A 21 7.59 -19.75 -12.12
CA SER A 21 6.94 -20.33 -10.95
CA SER A 21 6.94 -20.33 -10.95
C SER A 21 6.28 -19.29 -10.06
N VAL A 22 6.59 -18.01 -10.25
CA VAL A 22 6.00 -16.92 -9.49
C VAL A 22 4.85 -16.36 -10.31
N THR A 23 3.62 -16.64 -9.88
CA THR A 23 2.45 -16.47 -10.73
C THR A 23 1.40 -15.59 -10.06
N CYS A 24 0.46 -15.13 -10.88
CA CYS A 24 -0.77 -14.51 -10.40
C CYS A 24 -1.68 -15.60 -9.83
N ASN A 25 -2.92 -15.23 -9.50
CA ASN A 25 -3.83 -16.17 -8.85
C ASN A 25 -4.09 -17.40 -9.72
N ASP A 26 -4.22 -17.21 -11.03
CA ASP A 26 -4.61 -18.29 -11.92
C ASP A 26 -3.43 -19.05 -12.52
N GLY A 27 -2.21 -18.80 -12.05
CA GLY A 27 -1.05 -19.48 -12.55
C GLY A 27 -0.37 -18.82 -13.74
N SER A 28 -0.96 -17.76 -14.29
CA SER A 28 -0.28 -16.97 -15.29
C SER A 28 0.88 -16.20 -14.65
N PRO A 29 1.94 -15.92 -15.40
CA PRO A 29 3.12 -15.28 -14.78
C PRO A 29 2.82 -13.86 -14.35
N ALA A 30 3.42 -13.47 -13.23
CA ALA A 30 3.36 -12.09 -12.75
C ALA A 30 4.36 -11.24 -13.53
N GLY A 31 4.42 -9.96 -13.21
CA GLY A 31 5.31 -9.07 -13.93
C GLY A 31 5.37 -7.68 -13.33
N TYR A 32 5.88 -6.74 -14.13
CA TYR A 32 6.07 -5.36 -13.71
C TYR A 32 6.21 -4.48 -14.94
N TYR A 33 5.86 -3.21 -14.80
CA TYR A 33 6.07 -2.21 -15.84
C TYR A 33 7.25 -1.33 -15.46
N LEU A 34 8.11 -1.05 -16.44
CA LEU A 34 9.37 -0.36 -16.20
C LEU A 34 9.55 0.82 -17.14
N LYS A 35 9.78 2.00 -16.57
CA LYS A 35 10.39 3.11 -17.29
C LYS A 35 11.72 3.41 -16.64
N GLU A 36 12.81 3.27 -17.39
CA GLU A 36 14.15 3.37 -16.84
C GLU A 36 14.72 4.73 -17.15
N SER A 37 15.52 5.26 -16.21
CA SER A 37 16.08 6.61 -16.31
C SER A 37 17.57 6.49 -16.00
N ARG A 38 18.39 6.36 -17.05
CA ARG A 38 19.80 6.05 -16.87
C ARG A 38 20.56 7.15 -16.13
N GLY A 39 20.06 8.38 -16.15
CA GLY A 39 20.72 9.45 -15.45
C GLY A 39 20.28 9.60 -14.01
N SER A 40 19.84 8.51 -13.39
CA SER A 40 19.35 8.55 -12.03
C SER A 40 19.70 7.28 -11.29
N ARG A 41 20.06 7.42 -10.01
CA ARG A 41 20.25 6.30 -9.11
C ARG A 41 19.08 6.14 -8.14
N ARG A 42 17.93 6.75 -8.43
CA ARG A 42 16.74 6.64 -7.60
C ARG A 42 15.73 5.71 -8.28
N TRP A 43 15.08 4.85 -7.48
CA TRP A 43 14.18 3.83 -8.01
C TRP A 43 12.88 3.82 -7.21
N LEU A 44 11.75 3.78 -7.91
CA LEU A 44 10.47 3.91 -7.23
C LEU A 44 9.69 2.63 -7.61
N LEU A 45 9.37 1.79 -6.64
CA LEU A 45 8.61 0.55 -6.89
C LEU A 45 7.22 0.70 -6.28
N PHE A 46 6.18 0.78 -7.13
CA PHE A 46 4.82 1.04 -6.66
C PHE A 46 3.98 -0.22 -6.64
N LEU A 47 3.24 -0.43 -5.56
CA LEU A 47 2.39 -1.60 -5.37
C LEU A 47 0.93 -1.21 -5.59
N GLU A 48 0.28 -1.84 -6.57
CA GLU A 48 -1.13 -1.57 -6.84
C GLU A 48 -1.99 -2.12 -5.71
N GLY A 49 -3.16 -1.51 -5.53
CA GLY A 49 -4.14 -1.99 -4.57
C GLY A 49 -5.37 -2.60 -5.23
N GLY A 50 -6.34 -2.94 -4.39
CA GLY A 50 -7.59 -3.48 -4.88
C GLY A 50 -8.24 -4.61 -4.09
N TRP A 51 -8.57 -4.37 -2.82
CA TRP A 51 -9.27 -5.34 -1.95
C TRP A 51 -8.43 -6.61 -1.86
N TYR A 52 -9.12 -7.74 -1.69
CA TYR A 52 -8.53 -9.06 -1.55
C TYR A 52 -9.68 -10.07 -1.56
N CYS A 53 -9.33 -11.36 -1.61
CA CYS A 53 -10.32 -12.43 -1.47
C CYS A 53 -9.80 -13.48 -0.49
N PHE A 54 -10.67 -13.96 0.41
CA PHE A 54 -10.22 -14.83 1.49
C PHE A 54 -10.84 -16.22 1.49
N ASN A 55 -11.66 -16.58 0.49
CA ASN A 55 -12.14 -17.96 0.36
C ASN A 55 -12.43 -18.27 -1.11
N ARG A 56 -12.74 -19.55 -1.38
CA ARG A 56 -12.94 -19.99 -2.76
C ARG A 56 -14.05 -19.23 -3.44
N GLU A 57 -15.20 -19.13 -2.78
CA GLU A 57 -16.38 -18.49 -3.38
C GLU A 57 -16.11 -17.03 -3.76
N ASN A 58 -15.50 -16.24 -2.86
CA ASN A 58 -15.31 -14.84 -3.24
C ASN A 58 -14.16 -14.66 -4.22
N CYS A 59 -13.16 -15.54 -4.20
CA CYS A 59 -12.12 -15.50 -5.23
C CYS A 59 -12.69 -15.88 -6.59
N ASP A 60 -13.61 -16.85 -6.63
CA ASP A 60 -14.25 -17.22 -7.88
C ASP A 60 -15.02 -16.05 -8.48
N SER A 61 -15.79 -15.34 -7.66
N SER A 61 -15.80 -15.34 -7.66
CA SER A 61 -16.52 -14.18 -8.16
CA SER A 61 -16.53 -14.18 -8.16
C SER A 61 -15.58 -13.08 -8.62
C SER A 61 -15.57 -13.08 -8.63
N ARG A 62 -14.46 -12.89 -7.91
CA ARG A 62 -13.47 -11.89 -8.31
C ARG A 62 -12.86 -12.22 -9.67
N TYR A 63 -12.71 -13.51 -10.00
CA TYR A 63 -12.13 -13.89 -11.28
C TYR A 63 -13.05 -13.55 -12.45
N ASP A 64 -14.36 -13.44 -12.23
CA ASP A 64 -15.32 -13.14 -13.30
C ASP A 64 -15.44 -11.65 -13.59
N THR A 65 -15.28 -10.82 -12.56
CA THR A 65 -15.48 -9.38 -12.65
C THR A 65 -14.28 -8.52 -12.32
N MET A 66 -13.17 -9.10 -11.84
CA MET A 66 -11.94 -8.37 -11.56
C MET A 66 -10.74 -9.21 -11.99
N ARG A 67 -10.78 -9.76 -13.20
CA ARG A 67 -9.77 -10.72 -13.63
C ARG A 67 -8.38 -10.10 -13.73
N ARG A 68 -8.30 -8.81 -14.08
CA ARG A 68 -6.99 -8.16 -14.18
C ARG A 68 -6.27 -8.15 -12.83
N LEU A 69 -7.00 -8.24 -11.73
CA LEU A 69 -6.44 -8.33 -10.39
C LEU A 69 -6.20 -9.78 -9.97
N MET A 70 -6.24 -10.71 -10.93
CA MET A 70 -6.05 -12.13 -10.66
C MET A 70 -5.28 -12.82 -11.79
N SER A 71 -4.93 -12.13 -12.86
CA SER A 71 -4.33 -12.75 -14.04
C SER A 71 -3.59 -11.70 -14.85
N SER A 72 -2.57 -12.17 -15.59
CA SER A 72 -1.84 -11.33 -16.55
C SER A 72 -2.27 -11.59 -17.98
N ARG A 73 -3.06 -12.65 -18.23
CA ARG A 73 -3.72 -12.83 -19.54
C ARG A 73 -4.09 -11.58 -20.34
N ASP A 74 -4.77 -10.63 -19.73
CA ASP A 74 -5.25 -9.51 -20.58
C ASP A 74 -4.54 -8.19 -20.28
N TRP A 75 -3.31 -8.25 -19.75
CA TRP A 75 -2.58 -7.04 -19.42
C TRP A 75 -2.12 -6.32 -20.68
N PRO A 76 -2.22 -5.00 -20.72
CA PRO A 76 -1.70 -4.24 -21.87
C PRO A 76 -0.18 -4.22 -21.88
N ARG A 77 0.39 -3.89 -23.03
CA ARG A 77 1.86 -3.86 -23.14
C ARG A 77 2.49 -2.63 -22.50
N THR A 78 1.77 -1.53 -22.38
CA THR A 78 2.33 -0.28 -21.89
C THR A 78 1.39 0.24 -20.85
N ARG A 79 1.80 1.15 -20.05
CA ARG A 79 0.71 1.72 -19.24
C ARG A 79 1.26 3.06 -18.87
N THR A 80 0.41 4.08 -18.71
CA THR A 80 0.93 5.44 -18.52
C THR A 80 1.17 5.79 -17.07
N GLY A 81 2.29 6.46 -16.82
CA GLY A 81 2.65 6.84 -15.46
C GLY A 81 1.98 8.13 -14.96
N THR A 82 1.37 8.07 -13.77
CA THR A 82 0.56 9.17 -13.24
C THR A 82 1.02 9.54 -11.83
N GLY A 83 0.85 10.81 -11.48
CA GLY A 83 1.19 11.24 -10.14
C GLY A 83 2.68 11.11 -9.84
N ILE A 84 3.00 10.33 -8.80
CA ILE A 84 4.39 10.11 -8.41
C ILE A 84 5.13 9.26 -9.44
N LEU A 85 4.40 8.59 -10.32
CA LEU A 85 4.97 7.77 -11.38
C LEU A 85 5.12 8.54 -12.69
N SER A 86 4.79 9.83 -12.69
CA SER A 86 4.95 10.67 -13.87
C SER A 86 6.40 11.12 -14.00
N SER A 87 6.83 11.28 -15.25
CA SER A 87 8.18 11.74 -15.54
C SER A 87 8.25 13.22 -15.91
N GLN A 88 7.13 13.93 -15.81
CA GLN A 88 7.08 15.37 -16.07
C GLN A 88 7.12 16.13 -14.76
N PRO A 89 8.02 17.10 -14.61
CA PRO A 89 8.07 17.89 -13.37
C PRO A 89 6.76 18.58 -13.04
N GLU A 90 6.04 19.05 -14.06
CA GLU A 90 4.77 19.73 -13.84
C GLU A 90 3.80 18.86 -13.05
N GLU A 91 3.79 17.55 -13.33
CA GLU A 91 2.90 16.63 -12.64
C GLU A 91 3.55 15.98 -11.42
N ASN A 92 4.87 15.77 -11.45
CA ASN A 92 5.61 15.12 -10.37
C ASN A 92 6.78 15.99 -9.95
N PRO A 93 6.56 16.95 -9.06
CA PRO A 93 7.66 17.79 -8.56
C PRO A 93 8.66 17.02 -7.70
N TYR A 94 8.30 15.82 -7.24
CA TYR A 94 9.11 15.08 -6.26
C TYR A 94 10.22 14.29 -6.95
N TRP A 95 9.86 13.26 -7.72
CA TRP A 95 10.85 12.33 -8.28
C TRP A 95 10.64 12.14 -9.78
N TRP A 96 10.54 13.23 -10.55
CA TRP A 96 10.22 13.09 -11.97
C TRP A 96 11.32 12.41 -12.77
N ASN A 97 12.58 12.48 -12.32
CA ASN A 97 13.69 11.90 -13.06
C ASN A 97 14.09 10.52 -12.54
N ALA A 98 13.25 9.87 -11.75
CA ALA A 98 13.61 8.60 -11.13
C ALA A 98 13.24 7.43 -12.04
N ASN A 99 13.84 6.28 -11.76
CA ASN A 99 13.43 5.05 -12.45
C ASN A 99 12.06 4.62 -11.91
N MET A 100 11.13 4.33 -12.80
CA MET A 100 9.73 4.10 -12.44
C MET A 100 9.37 2.63 -12.63
N VAL A 101 8.73 2.04 -11.61
CA VAL A 101 8.29 0.65 -11.65
C VAL A 101 6.88 0.56 -11.08
N PHE A 102 5.97 -0.05 -11.84
CA PHE A 102 4.60 -0.32 -11.41
C PHE A 102 4.41 -1.83 -11.37
N ILE A 103 4.10 -2.37 -10.21
CA ILE A 103 3.92 -3.80 -10.02
C ILE A 103 2.43 -4.08 -9.90
N PRO A 104 1.79 -4.73 -10.88
CA PRO A 104 0.36 -4.98 -10.79
C PRO A 104 0.02 -5.99 -9.69
N TYR A 105 -1.14 -5.76 -9.08
CA TYR A 105 -1.64 -6.56 -7.95
C TYR A 105 -2.52 -7.67 -8.49
N CYS A 106 -1.96 -8.87 -8.65
CA CYS A 106 -2.71 -10.00 -9.18
C CYS A 106 -2.67 -11.20 -8.24
N SER A 107 -2.49 -10.96 -6.94
CA SER A 107 -2.42 -12.04 -5.95
C SER A 107 -3.52 -12.00 -4.90
N SER A 108 -4.25 -10.89 -4.76
CA SER A 108 -5.46 -10.83 -3.95
C SER A 108 -5.21 -11.16 -2.48
N ASP A 109 -3.99 -10.90 -1.99
CA ASP A 109 -3.57 -11.34 -0.66
C ASP A 109 -2.93 -10.23 0.16
N VAL A 110 -3.14 -8.97 -0.22
CA VAL A 110 -2.61 -7.80 0.48
C VAL A 110 -1.08 -7.91 0.43
N TRP A 111 -0.58 -8.56 -0.63
CA TRP A 111 0.86 -8.73 -0.88
C TRP A 111 1.55 -9.55 0.21
N SER A 112 0.85 -10.54 0.78
CA SER A 112 1.39 -11.30 1.90
C SER A 112 1.56 -12.79 1.62
N GLY A 113 1.03 -13.31 0.52
CA GLY A 113 0.95 -14.75 0.34
C GLY A 113 2.26 -15.37 -0.13
N ALA A 114 2.41 -16.66 0.19
CA ALA A 114 3.53 -17.47 -0.26
C ALA A 114 3.06 -18.91 -0.45
N SER A 115 2.11 -19.10 -1.37
N SER A 115 2.11 -19.11 -1.35
CA SER A 115 1.53 -20.40 -1.64
CA SER A 115 1.57 -20.44 -1.62
C SER A 115 1.30 -20.56 -3.12
C SER A 115 1.27 -20.58 -3.10
N SER A 116 1.64 -21.73 -3.66
CA SER A 116 1.47 -22.01 -5.07
C SER A 116 0.14 -22.73 -5.34
N LYS A 117 -0.30 -22.66 -6.59
CA LYS A 117 -1.42 -23.46 -7.08
C LYS A 117 -0.97 -24.89 -7.32
N SER A 118 -1.91 -25.83 -7.11
CA SER A 118 -1.61 -27.26 -7.07
C SER A 118 -2.86 -28.12 -6.80
N GLU A 119 -2.67 -29.40 -6.43
CA GLU A 119 -3.80 -30.29 -6.14
C GLU A 119 -4.79 -29.66 -5.17
N LYS A 120 -4.26 -29.04 -4.13
CA LYS A 120 -4.99 -28.67 -2.93
C LYS A 120 -5.29 -27.19 -2.87
N ASN A 121 -4.80 -26.42 -3.84
CA ASN A 121 -5.01 -24.98 -3.91
C ASN A 121 -5.52 -24.66 -5.32
N GLU A 122 -6.76 -24.18 -5.40
CA GLU A 122 -7.30 -23.76 -6.69
C GLU A 122 -6.57 -22.55 -7.24
N TYR A 123 -6.18 -21.61 -6.37
CA TYR A 123 -5.48 -20.41 -6.77
C TYR A 123 -4.13 -20.32 -6.06
N ALA A 124 -3.23 -19.54 -6.65
CA ALA A 124 -1.95 -19.23 -6.05
C ALA A 124 -2.00 -17.85 -5.40
N PHE A 125 -1.35 -17.71 -4.26
CA PHE A 125 -1.28 -16.45 -3.52
C PHE A 125 0.19 -16.20 -3.20
N MET A 126 0.86 -15.41 -4.05
CA MET A 126 2.31 -15.28 -3.99
C MET A 126 2.74 -13.81 -3.94
N GLY A 127 1.98 -12.98 -3.21
CA GLY A 127 2.27 -11.55 -3.20
C GLY A 127 3.64 -11.22 -2.62
N ALA A 128 4.01 -11.87 -1.52
CA ALA A 128 5.31 -11.59 -0.92
C ALA A 128 6.45 -12.09 -1.79
N LEU A 129 6.23 -13.16 -2.56
CA LEU A 129 7.26 -13.69 -3.44
C LEU A 129 7.32 -12.92 -4.76
N ILE A 130 6.21 -12.34 -5.20
CA ILE A 130 6.20 -11.55 -6.43
C ILE A 130 7.11 -10.33 -6.28
N ILE A 131 6.95 -9.61 -5.18
CA ILE A 131 7.86 -8.52 -4.87
C ILE A 131 9.27 -9.03 -4.89
N GLN A 132 9.46 -10.31 -4.63
CA GLN A 132 10.75 -10.51 -4.04
C GLN A 132 11.71 -10.63 -5.19
N GLU A 133 11.12 -11.24 -6.23
CA GLU A 133 11.60 -11.58 -7.57
C GLU A 133 11.67 -10.39 -8.50
N VAL A 134 10.72 -9.46 -8.41
CA VAL A 134 10.84 -8.23 -9.18
C VAL A 134 12.14 -7.52 -8.82
N VAL A 135 12.45 -7.45 -7.52
CA VAL A 135 13.70 -6.87 -7.07
C VAL A 135 14.89 -7.61 -7.66
N ARG A 136 14.83 -8.95 -7.68
CA ARG A 136 15.94 -9.73 -8.20
C ARG A 136 16.21 -9.42 -9.67
N GLU A 137 15.15 -9.40 -10.49
CA GLU A 137 15.35 -9.21 -11.92
C GLU A 137 15.70 -7.77 -12.25
N LEU A 138 15.24 -6.81 -11.43
CA LEU A 138 15.58 -5.41 -11.68
C LEU A 138 17.06 -5.12 -11.41
N LEU A 139 17.70 -5.90 -10.54
CA LEU A 139 19.12 -5.67 -10.26
C LEU A 139 19.97 -5.86 -11.51
N GLY A 140 19.56 -6.74 -12.41
CA GLY A 140 20.21 -6.93 -13.69
C GLY A 140 19.79 -5.95 -14.77
N ARG A 141 18.99 -4.94 -14.42
CA ARG A 141 18.62 -3.89 -15.35
C ARG A 141 18.98 -2.50 -14.82
N GLY A 142 19.89 -2.43 -13.85
CA GLY A 142 20.37 -1.15 -13.35
C GLY A 142 20.08 -0.87 -11.89
N LEU A 143 19.23 -1.66 -11.22
CA LEU A 143 18.99 -1.42 -9.79
C LEU A 143 20.25 -1.66 -8.96
N SER A 144 21.23 -2.39 -9.49
CA SER A 144 22.46 -2.65 -8.77
C SER A 144 23.23 -1.37 -8.47
N GLY A 145 23.04 -0.32 -9.26
CA GLY A 145 23.76 0.93 -9.04
C GLY A 145 22.93 1.99 -8.35
N ALA A 146 21.85 1.59 -7.70
CA ALA A 146 20.94 2.55 -7.07
C ALA A 146 21.48 3.00 -5.72
N LYS A 147 21.04 4.18 -5.30
CA LYS A 147 21.35 4.71 -3.98
C LYS A 147 20.14 4.79 -3.06
N VAL A 148 18.93 4.85 -3.60
CA VAL A 148 17.69 4.80 -2.81
C VAL A 148 16.67 3.97 -3.55
N LEU A 149 16.02 3.04 -2.85
CA LEU A 149 14.88 2.30 -3.36
C LEU A 149 13.67 2.66 -2.50
N LEU A 150 12.68 3.32 -3.09
CA LEU A 150 11.46 3.71 -2.40
C LEU A 150 10.35 2.74 -2.78
N LEU A 151 9.92 1.93 -1.81
CA LEU A 151 8.80 1.01 -1.99
C LEU A 151 7.52 1.72 -1.60
N ALA A 152 6.66 2.00 -2.58
CA ALA A 152 5.42 2.72 -2.35
C ALA A 152 4.23 1.87 -2.78
N GLY A 153 3.04 2.30 -2.40
CA GLY A 153 1.83 1.58 -2.72
C GLY A 153 0.62 2.28 -2.16
N SER A 154 -0.52 2.00 -2.78
CA SER A 154 -1.78 2.62 -2.41
C SER A 154 -2.77 1.55 -1.96
N SER A 155 -3.48 1.84 -0.89
CA SER A 155 -4.62 1.02 -0.48
C SER A 155 -4.07 -0.33 0.00
N ALA A 156 -4.53 -1.45 -0.54
CA ALA A 156 -3.95 -2.75 -0.21
C ALA A 156 -2.46 -2.79 -0.51
N GLY A 157 -2.01 -2.03 -1.52
CA GLY A 157 -0.59 -1.89 -1.74
C GLY A 157 0.09 -1.04 -0.69
N GLY A 158 -0.66 -0.11 -0.09
CA GLY A 158 -0.11 0.65 1.03
C GLY A 158 0.16 -0.23 2.24
N THR A 159 -0.79 -1.11 2.57
CA THR A 159 -0.54 -2.10 3.60
C THR A 159 0.57 -3.05 3.21
N GLY A 160 0.70 -3.35 1.92
CA GLY A 160 1.78 -4.21 1.46
C GLY A 160 3.15 -3.61 1.70
N VAL A 161 3.27 -2.28 1.64
CA VAL A 161 4.53 -1.62 1.95
C VAL A 161 4.93 -1.92 3.40
N LEU A 162 3.98 -1.76 4.32
CA LEU A 162 4.28 -1.98 5.73
C LEU A 162 4.69 -3.42 6.00
N LEU A 163 4.08 -4.38 5.29
CA LEU A 163 4.38 -5.78 5.51
C LEU A 163 5.70 -6.22 4.87
N ASN A 164 6.18 -5.51 3.85
CA ASN A 164 7.25 -6.01 3.02
C ASN A 164 8.51 -5.14 2.98
N VAL A 165 8.49 -3.94 3.55
CA VAL A 165 9.61 -3.03 3.33
C VAL A 165 10.90 -3.55 3.97
N ASP A 166 10.81 -4.27 5.10
CA ASP A 166 12.03 -4.73 5.77
C ASP A 166 12.65 -5.98 5.13
N ARG A 167 11.86 -6.84 4.50
CA ARG A 167 12.38 -7.90 3.62
C ARG A 167 13.24 -7.38 2.50
N VAL A 168 12.69 -6.45 1.73
CA VAL A 168 13.44 -5.89 0.61
C VAL A 168 14.77 -5.34 1.12
N ALA A 169 14.77 -4.74 2.31
CA ALA A 169 16.01 -4.34 2.95
C ALA A 169 16.88 -5.55 3.28
N GLU A 170 16.30 -6.54 3.98
CA GLU A 170 17.06 -7.74 4.30
C GLU A 170 17.44 -8.52 3.04
N GLN A 171 16.60 -8.48 2.02
CA GLN A 171 16.94 -9.17 0.78
C GLN A 171 18.17 -8.56 0.13
N LEU A 172 18.24 -7.22 0.07
CA LEU A 172 19.35 -6.59 -0.63
C LEU A 172 20.67 -6.74 0.11
N GLU A 173 20.65 -6.89 1.44
CA GLU A 173 21.90 -7.13 2.16
C GLU A 173 22.41 -8.55 1.88
N LYS A 174 21.52 -9.54 1.90
CA LYS A 174 21.92 -10.92 1.66
C LYS A 174 22.39 -11.13 0.23
N LEU A 175 22.03 -10.22 -0.68
CA LEU A 175 22.49 -10.23 -2.05
C LEU A 175 23.70 -9.33 -2.27
N GLY A 176 24.22 -8.73 -1.20
CA GLY A 176 25.45 -7.97 -1.29
C GLY A 176 25.29 -6.52 -1.68
N TYR A 177 24.15 -5.90 -1.37
CA TYR A 177 23.90 -4.50 -1.69
C TYR A 177 23.52 -3.73 -0.43
N PRO A 178 24.43 -3.67 0.56
CA PRO A 178 24.08 -3.01 1.82
C PRO A 178 24.01 -1.50 1.71
N ALA A 179 24.50 -0.91 0.63
CA ALA A 179 24.56 0.54 0.49
C ALA A 179 23.29 1.14 -0.10
N ILE A 180 22.44 0.33 -0.74
CA ILE A 180 21.15 0.83 -1.21
C ILE A 180 20.27 1.13 -0.01
N GLN A 181 19.74 2.35 0.05
CA GLN A 181 18.86 2.76 1.14
C GLN A 181 17.42 2.41 0.76
N VAL A 182 16.83 1.49 1.51
CA VAL A 182 15.45 1.06 1.28
C VAL A 182 14.52 1.88 2.17
N ARG A 183 13.46 2.43 1.58
CA ARG A 183 12.49 3.25 2.30
C ARG A 183 11.09 2.84 1.84
N GLY A 184 10.09 3.32 2.56
CA GLY A 184 8.71 2.97 2.29
C GLY A 184 7.79 4.17 2.30
N LEU A 185 6.75 4.10 1.46
CA LEU A 185 5.73 5.15 1.35
C LEU A 185 4.37 4.47 1.27
N ALA A 186 3.62 4.50 2.37
CA ALA A 186 2.36 3.78 2.49
C ALA A 186 1.19 4.76 2.35
N ASP A 187 0.43 4.63 1.27
CA ASP A 187 -0.68 5.51 0.94
C ASP A 187 -1.99 4.78 1.19
N SER A 188 -2.83 5.32 2.07
CA SER A 188 -4.18 4.83 2.31
C SER A 188 -4.21 3.36 2.73
N GLY A 189 -3.20 2.92 3.49
CA GLY A 189 -3.16 1.56 3.97
C GLY A 189 -3.04 1.47 5.48
N TRP A 190 -3.44 2.52 6.18
CA TRP A 190 -3.30 2.66 7.63
C TRP A 190 -4.71 2.56 8.23
N PHE A 191 -5.15 1.34 8.52
CA PHE A 191 -6.51 1.08 8.96
C PHE A 191 -6.58 0.88 10.47
N LEU A 192 -7.79 1.07 11.01
CA LEU A 192 -8.08 0.87 12.43
C LEU A 192 -9.02 -0.31 12.58
N ASP A 193 -8.70 -1.20 13.51
CA ASP A 193 -9.64 -2.27 13.91
C ASP A 193 -10.56 -1.75 15.01
N ASN A 194 -11.29 -0.70 14.68
CA ASN A 194 -12.14 -0.02 15.64
C ASN A 194 -13.54 -0.65 15.67
N LYS A 195 -14.36 -0.16 16.60
CA LYS A 195 -15.74 -0.62 16.68
C LYS A 195 -16.55 -0.05 15.53
N GLN A 196 -17.39 -0.89 14.94
CA GLN A 196 -18.15 -0.55 13.75
C GLN A 196 -19.41 0.23 14.11
N TYR A 197 -19.91 1.00 13.14
CA TYR A 197 -21.13 1.77 13.37
C TYR A 197 -22.35 0.86 13.37
N ARG A 198 -22.36 -0.16 12.51
CA ARG A 198 -23.35 -1.22 12.54
C ARG A 198 -22.63 -2.56 12.36
N HIS A 199 -23.19 -3.60 12.97
CA HIS A 199 -22.49 -4.86 13.18
C HIS A 199 -23.15 -6.02 12.45
N THR A 200 -22.32 -6.96 11.99
CA THR A 200 -22.79 -8.22 11.41
C THR A 200 -21.78 -9.32 11.76
N ASP A 201 -22.28 -10.54 11.93
CA ASP A 201 -21.39 -11.68 12.12
C ASP A 201 -20.77 -12.10 10.80
N CYS A 202 -19.56 -12.64 10.89
CA CYS A 202 -18.84 -13.12 9.72
C CYS A 202 -19.47 -14.41 9.19
N VAL A 203 -20.40 -14.27 8.25
CA VAL A 203 -20.98 -15.43 7.58
C VAL A 203 -20.74 -15.44 6.08
N ASP A 204 -20.41 -14.30 5.47
CA ASP A 204 -20.09 -14.24 4.06
C ASP A 204 -19.15 -13.07 3.81
N THR A 205 -18.81 -12.84 2.55
CA THR A 205 -17.78 -11.86 2.20
C THR A 205 -18.12 -10.48 2.76
N ILE A 206 -19.36 -10.04 2.58
CA ILE A 206 -19.71 -8.64 2.89
C ILE A 206 -20.02 -8.40 4.36
N THR A 207 -20.28 -9.45 5.14
CA THR A 207 -20.56 -9.29 6.56
C THR A 207 -19.34 -9.54 7.45
N CYS A 208 -18.23 -9.98 6.89
CA CYS A 208 -17.05 -10.32 7.68
CA CYS A 208 -17.05 -10.32 7.68
C CYS A 208 -16.19 -9.09 7.89
N ALA A 209 -16.05 -8.67 9.14
CA ALA A 209 -15.19 -7.54 9.46
C ALA A 209 -13.74 -7.88 9.08
N PRO A 210 -12.95 -6.87 8.70
CA PRO A 210 -11.56 -7.14 8.30
C PRO A 210 -10.74 -7.96 9.29
N THR A 211 -10.92 -7.80 10.60
CA THR A 211 -10.17 -8.63 11.55
C THR A 211 -10.45 -10.11 11.30
N GLU A 212 -11.72 -10.47 11.15
CA GLU A 212 -12.07 -11.87 10.91
C GLU A 212 -11.68 -12.30 9.50
N ALA A 213 -11.87 -11.43 8.51
CA ALA A 213 -11.53 -11.78 7.14
C ALA A 213 -10.03 -11.97 6.96
N ILE A 214 -9.22 -11.13 7.62
CA ILE A 214 -7.77 -11.25 7.49
C ILE A 214 -7.27 -12.52 8.18
N ARG A 215 -7.85 -12.88 9.33
CA ARG A 215 -7.34 -14.07 10.01
C ARG A 215 -7.61 -15.32 9.18
N ARG A 216 -8.76 -15.39 8.52
CA ARG A 216 -9.04 -16.50 7.62
C ARG A 216 -8.16 -16.43 6.38
N GLY A 217 -7.86 -15.21 5.90
CA GLY A 217 -7.04 -15.07 4.70
C GLY A 217 -5.63 -15.59 4.89
N ILE A 218 -5.01 -15.27 6.03
CA ILE A 218 -3.63 -15.69 6.28
C ILE A 218 -3.50 -17.21 6.18
N ARG A 219 -4.48 -17.93 6.75
CA ARG A 219 -4.47 -19.38 6.61
C ARG A 219 -4.66 -19.79 5.16
N TYR A 220 -5.57 -19.12 4.45
CA TYR A 220 -5.89 -19.47 3.07
C TYR A 220 -4.75 -19.13 2.12
N TRP A 221 -4.01 -18.04 2.40
CA TRP A 221 -2.93 -17.57 1.56
C TRP A 221 -1.57 -18.14 1.93
N ASN A 222 -1.44 -18.76 3.10
CA ASN A 222 -0.16 -18.97 3.75
C ASN A 222 0.58 -17.62 3.88
N GLY A 223 -0.09 -16.69 4.55
CA GLY A 223 0.39 -15.33 4.60
C GLY A 223 1.59 -15.16 5.52
N VAL A 224 2.39 -14.14 5.22
CA VAL A 224 3.66 -13.90 5.90
C VAL A 224 3.69 -12.45 6.37
N VAL A 225 4.17 -12.24 7.60
CA VAL A 225 4.22 -10.90 8.20
C VAL A 225 5.65 -10.65 8.66
N PRO A 226 6.00 -9.39 8.94
CA PRO A 226 7.37 -9.09 9.39
C PRO A 226 7.71 -9.83 10.68
N GLU A 227 8.98 -10.24 10.79
CA GLU A 227 9.38 -11.20 11.82
C GLU A 227 9.24 -10.64 13.22
N ARG A 228 9.62 -9.38 13.44
CA ARG A 228 9.55 -8.81 14.78
C ARG A 228 8.10 -8.66 15.23
N CYS A 229 7.21 -8.23 14.33
CA CYS A 229 5.79 -8.18 14.66
C CYS A 229 5.24 -9.58 14.92
N ARG A 230 5.70 -10.56 14.14
CA ARG A 230 5.26 -11.94 14.34
C ARG A 230 5.64 -12.44 15.72
N ARG A 231 6.84 -12.11 16.18
CA ARG A 231 7.31 -12.58 17.48
C ARG A 231 6.53 -11.95 18.63
N GLN A 232 5.98 -10.75 18.42
CA GLN A 232 5.21 -10.09 19.47
C GLN A 232 3.86 -10.76 19.65
N PHE A 233 3.10 -10.93 18.56
CA PHE A 233 1.72 -11.40 18.64
C PHE A 233 1.60 -12.92 18.59
N GLN A 234 2.58 -13.62 18.01
CA GLN A 234 2.74 -15.07 18.09
C GLN A 234 1.65 -15.85 17.39
N GLU A 235 1.59 -17.18 17.58
CA GLU A 235 0.89 -17.99 16.59
C GLU A 235 -0.54 -17.48 16.44
N GLY A 236 -0.99 -17.49 15.20
CA GLY A 236 -2.42 -17.39 15.00
C GLY A 236 -3.01 -16.05 15.37
N GLU A 237 -2.17 -15.12 15.84
CA GLU A 237 -2.56 -13.73 16.00
C GLU A 237 -1.83 -12.84 15.00
N GLU A 238 -1.41 -13.39 13.87
CA GLU A 238 -0.65 -12.63 12.89
C GLU A 238 -1.49 -11.55 12.20
N TRP A 239 -2.82 -11.67 12.27
CA TRP A 239 -3.68 -10.65 11.65
C TRP A 239 -3.43 -9.27 12.25
N ASN A 240 -2.96 -9.21 13.49
CA ASN A 240 -2.66 -7.93 14.12
C ASN A 240 -1.66 -7.12 13.30
N CYS A 241 -0.72 -7.80 12.64
CA CYS A 241 0.34 -7.11 11.90
C CYS A 241 -0.14 -6.49 10.59
N PHE A 242 -1.40 -6.66 10.18
CA PHE A 242 -1.86 -5.94 8.99
C PHE A 242 -2.37 -4.55 9.30
N PHE A 243 -2.38 -4.15 10.56
CA PHE A 243 -2.91 -2.85 10.97
C PHE A 243 -1.75 -1.93 11.32
N GLY A 244 -1.72 -0.77 10.67
CA GLY A 244 -0.50 0.03 10.63
C GLY A 244 0.05 0.38 12.00
N TYR A 245 -0.82 0.85 12.90
CA TYR A 245 -0.35 1.32 14.20
C TYR A 245 0.23 0.20 15.07
N LYS A 246 0.01 -1.06 14.69
CA LYS A 246 0.62 -2.18 15.40
C LYS A 246 1.92 -2.66 14.77
N VAL A 247 2.02 -2.63 13.44
CA VAL A 247 3.20 -3.17 12.77
C VAL A 247 4.29 -2.11 12.58
N TYR A 248 3.91 -0.83 12.41
CA TYR A 248 4.88 0.24 12.24
C TYR A 248 5.94 0.31 13.33
N PRO A 249 5.62 0.20 14.63
CA PRO A 249 6.68 0.27 15.65
C PRO A 249 7.68 -0.87 15.59
N THR A 250 7.45 -1.90 14.78
CA THR A 250 8.38 -3.01 14.65
C THR A 250 9.33 -2.87 13.46
N LEU A 251 9.17 -1.83 12.65
CA LEU A 251 9.95 -1.68 11.42
C LEU A 251 11.19 -0.83 11.68
N ARG A 252 12.30 -1.25 11.06
CA ARG A 252 13.53 -0.46 11.09
C ARG A 252 13.74 0.43 9.87
N SER A 253 13.08 0.14 8.75
CA SER A 253 13.24 1.02 7.60
C SER A 253 12.43 2.31 7.79
N PRO A 254 12.91 3.42 7.24
CA PRO A 254 12.12 4.67 7.29
C PRO A 254 10.87 4.56 6.43
N VAL A 255 9.72 4.86 7.03
CA VAL A 255 8.43 4.75 6.35
C VAL A 255 7.66 6.05 6.50
N PHE A 256 7.20 6.60 5.38
CA PHE A 256 6.35 7.79 5.34
C PHE A 256 4.91 7.35 5.17
N VAL A 257 4.01 7.89 5.98
CA VAL A 257 2.62 7.42 6.07
C VAL A 257 1.68 8.51 5.57
N VAL A 258 0.93 8.19 4.51
CA VAL A 258 -0.09 9.08 3.96
C VAL A 258 -1.45 8.44 4.21
N GLN A 259 -2.36 9.20 4.82
CA GLN A 259 -3.65 8.63 5.22
C GLN A 259 -4.67 9.74 5.43
N TRP A 260 -5.72 9.78 4.59
CA TRP A 260 -6.86 10.64 4.86
C TRP A 260 -7.44 10.30 6.23
N LEU A 261 -7.87 11.33 6.96
CA LEU A 261 -8.42 11.10 8.29
C LEU A 261 -9.78 10.40 8.23
N PHE A 262 -10.53 10.61 7.16
CA PHE A 262 -11.86 10.01 6.99
C PHE A 262 -11.85 9.18 5.71
N ASP A 263 -11.04 8.11 5.72
CA ASP A 263 -10.83 7.29 4.53
C ASP A 263 -12.12 6.57 4.15
N GLU A 264 -12.45 6.61 2.85
CA GLU A 264 -13.70 6.01 2.38
C GLU A 264 -13.71 4.50 2.59
N ALA A 265 -12.56 3.84 2.42
CA ALA A 265 -12.51 2.40 2.63
C ALA A 265 -12.64 2.05 4.11
N GLN A 266 -12.13 2.90 4.99
CA GLN A 266 -12.33 2.67 6.42
C GLN A 266 -13.79 2.82 6.81
N LEU A 267 -14.47 3.83 6.27
CA LEU A 267 -15.90 4.00 6.56
C LEU A 267 -16.71 2.86 5.98
N THR A 268 -16.30 2.31 4.83
CA THR A 268 -17.01 1.18 4.25
C THR A 268 -16.94 -0.03 5.17
N VAL A 269 -15.75 -0.38 5.67
CA VAL A 269 -15.64 -1.54 6.54
C VAL A 269 -16.27 -1.26 7.90
N ASP A 270 -16.50 0.01 8.24
CA ASP A 270 -17.23 0.37 9.45
C ASP A 270 -18.74 0.42 9.21
N ASN A 271 -19.19 0.09 8.00
CA ASN A 271 -20.61 0.05 7.65
C ASN A 271 -21.25 1.44 7.76
N VAL A 272 -20.54 2.44 7.25
CA VAL A 272 -21.02 3.82 7.20
C VAL A 272 -21.17 4.22 5.73
N HIS A 273 -22.28 4.88 5.41
CA HIS A 273 -22.53 5.42 4.08
C HIS A 273 -22.97 6.87 4.21
N LEU A 274 -22.52 7.70 3.26
CA LEU A 274 -22.82 9.14 3.30
C LEU A 274 -23.62 9.49 2.05
N THR A 275 -24.93 9.67 2.20
CA THR A 275 -25.76 10.21 1.12
C THR A 275 -27.09 10.74 1.65
N PRO A 278 -28.06 14.72 6.07
CA PRO A 278 -28.99 14.24 7.08
C PRO A 278 -28.29 13.47 8.21
N VAL A 279 -27.19 14.02 8.71
CA VAL A 279 -26.37 13.37 9.72
C VAL A 279 -26.78 13.84 11.10
N GLN A 280 -26.85 12.90 12.05
CA GLN A 280 -27.36 13.14 13.38
C GLN A 280 -26.31 12.73 14.42
N GLU A 281 -26.31 13.43 15.56
CA GLU A 281 -25.82 12.90 16.85
C GLU A 281 -25.31 11.47 16.92
N GLY A 282 -26.06 10.52 16.36
CA GLY A 282 -25.57 9.17 16.37
C GLY A 282 -24.29 9.13 15.57
N LEU A 283 -24.41 9.46 14.29
CA LEU A 283 -23.32 9.29 13.35
C LEU A 283 -22.31 10.43 13.41
N ARG A 284 -22.75 11.64 13.82
CA ARG A 284 -21.81 12.75 13.92
C ARG A 284 -20.68 12.44 14.90
N LEU A 285 -21.03 11.94 16.09
CA LEU A 285 -20.01 11.60 17.06
C LEU A 285 -19.15 10.43 16.60
N TYR A 286 -19.72 9.50 15.84
CA TYR A 286 -18.93 8.38 15.35
C TYR A 286 -17.85 8.86 14.38
N ILE A 287 -18.23 9.68 13.40
CA ILE A 287 -17.27 10.17 12.43
C ILE A 287 -16.21 11.03 13.11
N GLN A 288 -16.63 11.86 14.06
CA GLN A 288 -15.69 12.71 14.77
C GLN A 288 -14.71 11.88 15.60
N ASN A 289 -15.20 10.78 16.20
CA ASN A 289 -14.32 9.90 16.96
C ASN A 289 -13.29 9.23 16.04
N LEU A 290 -13.70 8.85 14.83
CA LEU A 290 -12.78 8.19 13.91
C LEU A 290 -11.59 9.11 13.58
N GLY A 291 -11.87 10.37 13.27
CA GLY A 291 -10.79 11.30 13.00
C GLY A 291 -9.88 11.49 14.19
N ARG A 292 -10.45 11.51 15.40
CA ARG A 292 -9.65 11.66 16.62
C ARG A 292 -8.73 10.46 16.83
N GLU A 293 -9.26 9.25 16.66
CA GLU A 293 -8.47 8.06 16.96
C GLU A 293 -7.32 7.88 15.99
N LEU A 294 -7.53 8.19 14.71
CA LEU A 294 -6.46 7.98 13.75
C LEU A 294 -5.42 9.09 13.82
N ARG A 295 -5.84 10.31 14.17
CA ARG A 295 -4.88 11.35 14.55
C ARG A 295 -4.02 10.91 15.72
N HIS A 296 -4.62 10.23 16.69
CA HIS A 296 -3.87 9.75 17.85
C HIS A 296 -2.81 8.73 17.45
N THR A 297 -3.16 7.79 16.56
CA THR A 297 -2.20 6.78 16.13
C THR A 297 -1.05 7.36 15.32
N LEU A 298 -1.16 8.60 14.87
CA LEU A 298 -0.11 9.25 14.08
C LEU A 298 0.70 10.26 14.88
N LYS A 299 0.33 10.54 16.13
CA LYS A 299 1.00 11.57 16.92
C LYS A 299 2.52 11.35 16.97
N ASP A 300 2.97 10.10 17.03
CA ASP A 300 4.39 9.80 17.15
C ASP A 300 4.99 9.20 15.88
N VAL A 301 4.37 9.44 14.73
CA VAL A 301 4.93 9.01 13.46
C VAL A 301 5.62 10.22 12.82
N PRO A 302 6.96 10.28 12.84
CA PRO A 302 7.63 11.55 12.47
C PRO A 302 7.42 11.98 11.03
N ALA A 303 7.17 11.06 10.11
CA ALA A 303 6.98 11.38 8.69
C ALA A 303 5.58 10.94 8.29
N SER A 304 4.67 11.89 8.13
CA SER A 304 3.28 11.55 7.88
C SER A 304 2.56 12.73 7.22
N PHE A 305 1.45 12.42 6.55
CA PHE A 305 0.64 13.42 5.85
C PHE A 305 -0.81 12.94 5.92
N ALA A 306 -1.62 13.63 6.72
CA ALA A 306 -2.98 13.17 7.03
C ALA A 306 -3.98 14.30 6.98
N PRO A 307 -4.56 14.57 5.81
CA PRO A 307 -5.55 15.65 5.69
C PRO A 307 -6.94 15.19 6.11
N ALA A 308 -7.74 16.17 6.53
CA ALA A 308 -9.10 15.91 7.01
C ALA A 308 -10.05 15.93 5.81
N CYS A 309 -10.01 14.84 5.03
CA CYS A 309 -10.84 14.71 3.85
C CYS A 309 -11.49 13.33 3.80
N LEU A 310 -12.61 13.28 3.09
CA LEU A 310 -13.30 12.04 2.72
C LEU A 310 -12.84 11.63 1.33
N SER A 311 -11.91 10.67 1.25
CA SER A 311 -11.39 10.24 -0.04
C SER A 311 -10.68 8.90 0.13
N HIS A 312 -9.99 8.47 -0.92
CA HIS A 312 -9.26 7.20 -0.91
C HIS A 312 -8.20 7.25 -2.01
N GLU A 313 -6.94 6.97 -1.63
CA GLU A 313 -5.78 6.99 -2.52
C GLU A 313 -5.41 8.40 -2.98
N ILE A 314 -4.16 8.61 -3.37
CA ILE A 314 -3.75 9.95 -3.83
C ILE A 314 -2.46 9.96 -4.63
N ILE A 315 -1.47 9.13 -4.27
CA ILE A 315 -0.13 9.38 -4.79
C ILE A 315 0.00 9.11 -6.29
N ILE A 316 -0.92 8.37 -6.92
CA ILE A 316 -0.86 8.19 -8.36
C ILE A 316 -1.98 8.94 -9.08
N ARG A 317 -2.70 9.80 -8.39
CA ARG A 317 -3.60 10.72 -9.07
C ARG A 317 -2.80 11.88 -9.66
N SER A 318 -3.18 12.32 -10.86
CA SER A 318 -2.43 13.36 -11.55
C SER A 318 -2.48 14.68 -10.80
N HIS A 319 -3.57 14.96 -10.07
CA HIS A 319 -3.73 16.18 -9.32
C HIS A 319 -3.33 16.03 -7.85
N TRP A 320 -2.39 15.12 -7.57
CA TRP A 320 -1.95 14.92 -6.19
C TRP A 320 -1.20 16.11 -5.62
N THR A 321 -0.86 17.11 -6.45
CA THR A 321 -0.15 18.29 -5.98
C THR A 321 -1.08 19.34 -5.38
N ASP A 322 -2.40 19.17 -5.50
CA ASP A 322 -3.33 20.22 -5.08
C ASP A 322 -3.63 20.19 -3.58
N VAL A 323 -3.54 19.03 -2.94
N VAL A 323 -3.50 19.02 -2.95
CA VAL A 323 -3.91 18.94 -1.54
CA VAL A 323 -3.82 18.87 -1.54
C VAL A 323 -2.77 19.46 -0.67
C VAL A 323 -2.73 19.51 -0.70
N GLN A 324 -3.12 20.19 0.38
CA GLN A 324 -2.17 20.82 1.28
C GLN A 324 -2.62 20.64 2.73
N VAL A 325 -1.65 20.60 3.63
CA VAL A 325 -1.88 20.60 5.07
C VAL A 325 -1.01 21.69 5.68
N LYS A 326 -1.64 22.64 6.36
CA LYS A 326 -0.96 23.81 6.91
C LYS A 326 -0.09 24.50 5.86
N GLY A 327 -0.60 24.54 4.62
CA GLY A 327 0.06 25.22 3.53
C GLY A 327 1.11 24.41 2.79
N THR A 328 1.37 23.18 3.20
CA THR A 328 2.43 22.36 2.60
C THR A 328 1.80 21.22 1.81
N SER A 329 2.17 21.10 0.54
CA SER A 329 1.66 20.05 -0.32
C SER A 329 2.38 18.73 -0.04
N LEU A 330 1.84 17.65 -0.59
CA LEU A 330 2.41 16.32 -0.39
C LEU A 330 3.76 16.17 -1.10
N PRO A 331 3.91 16.62 -2.36
CA PRO A 331 5.25 16.55 -2.97
C PRO A 331 6.32 17.32 -2.21
N ARG A 332 5.95 18.44 -1.56
CA ARG A 332 6.94 19.16 -0.77
C ARG A 332 7.32 18.37 0.48
N ALA A 333 6.32 17.79 1.17
CA ALA A 333 6.60 17.02 2.38
C ALA A 333 7.53 15.85 2.08
N LEU A 334 7.34 15.19 0.93
CA LEU A 334 8.22 14.08 0.56
C LEU A 334 9.62 14.59 0.27
N HIS A 335 9.74 15.76 -0.35
CA HIS A 335 11.05 16.36 -0.58
C HIS A 335 11.73 16.73 0.73
N CYS A 336 10.95 17.25 1.69
CA CYS A 336 11.50 17.51 3.02
C CYS A 336 11.95 16.23 3.71
N TRP A 337 11.24 15.13 3.45
CA TRP A 337 11.62 13.84 4.01
C TRP A 337 12.97 13.38 3.45
N ASP A 338 13.20 13.58 2.15
CA ASP A 338 14.51 13.28 1.57
C ASP A 338 15.61 14.10 2.24
N ARG A 339 15.36 15.38 2.47
CA ARG A 339 16.37 16.24 3.11
C ARG A 339 16.70 15.76 4.52
N SER A 340 15.67 15.37 5.27
CA SER A 340 15.89 14.94 6.65
C SER A 340 16.64 13.62 6.74
N LEU A 341 16.66 12.83 5.68
CA LEU A 341 17.39 11.57 5.67
C LEU A 341 18.81 11.73 5.11
N HIS A 342 19.30 12.96 4.97
CA HIS A 342 20.71 13.19 4.70
C HIS A 342 21.53 12.90 5.95
N PRO A 351 15.85 19.58 12.64
CA PRO A 351 14.65 19.92 11.87
C PRO A 351 14.79 21.12 10.94
N LEU A 352 14.09 21.04 9.80
CA LEU A 352 14.34 21.91 8.67
C LEU A 352 13.41 23.10 8.67
N LYS A 353 13.99 24.30 8.57
CA LYS A 353 13.29 25.57 8.55
C LYS A 353 12.31 25.65 7.38
N GLY A 354 11.01 25.68 7.67
CA GLY A 354 10.00 25.85 6.65
C GLY A 354 9.83 24.68 5.70
N CYS A 355 10.25 23.49 6.10
CA CYS A 355 10.21 22.31 5.23
C CYS A 355 9.83 21.12 6.11
N PRO A 356 8.55 21.00 6.48
CA PRO A 356 8.15 20.03 7.50
C PRO A 356 7.90 18.65 6.93
N VAL A 357 7.94 17.67 7.84
CA VAL A 357 7.72 16.27 7.48
C VAL A 357 6.51 15.65 8.18
N HIS A 358 6.05 16.22 9.29
CA HIS A 358 4.90 15.70 10.03
C HIS A 358 3.73 16.67 9.82
N LEU A 359 2.69 16.22 9.12
CA LEU A 359 1.61 17.10 8.70
C LEU A 359 0.27 16.38 8.91
N VAL A 360 -0.41 16.71 10.01
CA VAL A 360 -1.66 16.07 10.39
C VAL A 360 -2.68 17.16 10.71
N ASP A 361 -3.83 17.11 10.05
CA ASP A 361 -4.88 18.09 10.28
C ASP A 361 -5.48 17.92 11.67
N SER A 362 -5.99 19.02 12.22
CA SER A 362 -6.60 19.03 13.54
C SER A 362 -8.09 19.37 13.54
N CYS A 363 -8.66 19.79 12.41
CA CYS A 363 -10.08 20.10 12.38
C CYS A 363 -10.90 18.81 12.22
N PRO A 364 -12.12 18.76 12.77
CA PRO A 364 -12.76 17.46 13.05
C PRO A 364 -13.88 16.99 12.12
N TRP A 365 -14.03 17.55 10.93
CA TRP A 365 -15.11 17.10 10.04
C TRP A 365 -14.59 16.97 8.62
N PRO A 366 -15.11 16.00 7.85
CA PRO A 366 -14.71 15.89 6.43
C PRO A 366 -14.83 17.18 5.65
N HIS A 367 -13.68 17.60 5.11
CA HIS A 367 -13.49 18.64 4.09
C HIS A 367 -13.40 19.99 4.80
N CYS A 368 -13.11 19.96 6.10
CA CYS A 368 -12.73 21.17 6.81
C CYS A 368 -11.39 21.73 6.33
N ASN A 369 -10.63 20.94 5.56
CA ASN A 369 -9.46 21.44 4.85
C ASN A 369 -9.91 21.87 3.45
N PRO A 370 -9.77 23.15 3.09
CA PRO A 370 -10.33 23.61 1.80
C PRO A 370 -9.67 22.99 0.57
N SER A 371 -8.48 22.40 0.70
CA SER A 371 -7.79 21.81 -0.43
C SER A 371 -8.21 20.36 -0.69
N CYS A 372 -9.23 19.87 0.01
CA CYS A 372 -9.68 18.50 -0.18
C CYS A 372 -10.18 18.31 -1.62
N PRO A 373 -10.02 17.11 -2.17
CA PRO A 373 -10.48 16.87 -3.55
C PRO A 373 -12.01 16.90 -3.66
N THR A 374 -12.48 17.33 -4.83
CA THR A 374 -13.90 17.28 -5.18
C THR A 374 -14.18 16.15 -6.14
S SO4 B . -11.51 -7.41 -16.04
O1 SO4 B . -10.48 -7.00 -15.10
O2 SO4 B . -10.89 -8.12 -17.15
O3 SO4 B . -12.46 -8.29 -15.37
O4 SO4 B . -12.21 -6.23 -16.54
C1 NAG C . 11.76 -18.92 -8.73
C2 NAG C . 13.12 -19.26 -8.11
C3 NAG C . 12.95 -20.24 -6.96
C4 NAG C . 11.92 -19.75 -5.96
C5 NAG C . 10.61 -19.42 -6.68
C6 NAG C . 9.56 -18.83 -5.77
C7 NAG C . 15.07 -19.08 -9.59
C8 NAG C . 15.90 -19.79 -10.62
N2 NAG C . 14.03 -19.78 -9.11
O3 NAG C . 14.21 -20.42 -6.31
O4 NAG C . 11.67 -20.74 -4.98
O5 NAG C . 10.86 -18.45 -7.71
O6 NAG C . 10.12 -17.85 -4.90
O7 NAG C . 15.32 -17.95 -9.23
S DMS D . -12.65 -3.80 12.75
O DMS D . -13.69 -4.47 13.58
C1 DMS D . -11.99 -4.98 11.54
C2 DMS D . -13.41 -2.63 11.59
S SO4 E . -0.57 19.21 15.09
O1 SO4 E . -1.35 20.15 14.30
O2 SO4 E . 0.73 19.80 15.42
O3 SO4 E . -1.28 18.90 16.33
O4 SO4 E . -0.36 17.97 14.33
S SO4 F . -9.65 -23.94 -2.77
O1 SO4 F . -9.35 -22.56 -3.14
O2 SO4 F . -8.55 -24.80 -3.18
O3 SO4 F . -9.83 -24.02 -1.32
O4 SO4 F . -10.88 -24.36 -3.44
S SO4 G . 14.01 14.64 -9.24
O1 SO4 G . 14.97 15.27 -10.14
O2 SO4 G . 14.67 14.33 -7.97
O3 SO4 G . 12.89 15.54 -8.99
O4 SO4 G . 13.52 13.41 -9.84
S SO4 H . -28.95 16.19 15.77
O1 SO4 H . -28.01 16.22 14.66
O2 SO4 H . -28.33 16.78 16.96
O3 SO4 H . -30.15 16.95 15.43
O4 SO4 H . -29.32 14.81 16.05
S SO4 I . 20.15 20.28 2.62
O1 SO4 I . 20.12 21.72 2.38
O2 SO4 I . 21.54 19.85 2.74
O3 SO4 I . 19.44 19.97 3.86
O4 SO4 I . 19.52 19.58 1.51
S SO4 J . -27.78 6.56 9.21
O1 SO4 J . -27.78 7.92 8.66
O2 SO4 J . -26.72 5.78 8.59
O3 SO4 J . -29.07 5.93 8.96
O4 SO4 J . -27.55 6.62 10.65
N1 LDV K . -6.80 -19.97 -17.26
C4 LDV K . -5.61 -20.29 -16.44
C5 LDV K . -6.76 -18.57 -17.80
C6 LDV K . -5.40 -18.20 -18.40
C7 LDV K . -8.00 -20.19 -16.50
C8 LDV K . -7.79 -21.25 -15.41
C10 LDV K . -7.57 -22.23 -13.42
C13 LDV K . -8.00 -19.98 -11.80
C15 LDV K . -7.53 -22.33 -12.00
C1 LDV K . -3.17 -19.28 -18.23
C11 LDV K . -7.81 -21.02 -14.00
C12 LDV K . -8.04 -19.88 -13.19
C14 LDV K . -7.76 -21.22 -11.21
C2 LDV K . -4.23 -18.45 -17.50
C3 LDV K . -4.59 -19.17 -16.25
C9 LDV K . -7.52 -22.60 -15.57
N2 LDV K . -7.39 -23.16 -14.38
N1 LDV L . -8.74 -2.36 0.85
C4 LDV L . -7.73 -1.32 0.68
C5 LDV L . -9.86 -1.55 0.35
C6 LDV L . -9.97 -1.48 -1.17
C7 LDV L . -8.96 -2.65 2.24
C8 LDV L . -7.82 -3.43 2.89
C10 LDV L . -6.50 -4.43 4.37
C13 LDV L . -7.99 -3.88 6.68
C15 LDV L . -6.05 -4.88 5.64
C1 LDV L . -8.93 -0.27 -2.94
C11 LDV L . -7.67 -3.72 4.27
C12 LDV L . -8.43 -3.44 5.44
C14 LDV L . -6.80 -4.60 6.78
C2 LDV L . -9.00 -0.44 -1.43
C3 LDV L . -7.75 -1.00 -0.83
C9 LDV L . -6.73 -3.97 2.24
N2 LDV L . -5.95 -4.56 3.14
#